data_2FR5
#
_entry.id   2FR5
#
_cell.length_a   82.238
_cell.length_b   93.403
_cell.length_c   180.743
_cell.angle_alpha   90.00
_cell.angle_beta   90.00
_cell.angle_gamma   90.00
#
_symmetry.space_group_name_H-M   'I 2 2 2'
#
loop_
_entity.id
_entity.type
_entity.pdbx_description
1 polymer 'Cytidine deaminase'
2 non-polymer 'ZINC ION'
3 non-polymer 'SULFATE ION'
4 non-polymer TETRAHYDROURIDINE
5 water water
#
_entity_poly.entity_id   1
_entity_poly.type   'polypeptide(L)'
_entity_poly.pdbx_seq_one_letter_code
;MAQERPSCAVEPEHVQRLLLSSREAKKSAYCPYSRFPVGAALLTGDGRIFSGCNIENACYPLGVCAERTAIQKAISEGYK
DFRAIAISSDLQEEFISPCGACRQVMREFGTDWAVYMTKPDGTFVVRTVQELLPASFGPEDLQKIQ
;
_entity_poly.pdbx_strand_id   A,B,C,D
#
loop_
_chem_comp.id
_chem_comp.type
_chem_comp.name
_chem_comp.formula
SO4 non-polymer 'SULFATE ION' 'O4 S -2'
TYU RNA linking TETRAHYDROURIDINE 'C9 H16 N2 O6'
ZN non-polymer 'ZINC ION' 'Zn 2'
#
# COMPACT_ATOMS: atom_id res chain seq x y z
N GLU A 11 6.22 28.55 -23.03
CA GLU A 11 5.42 28.27 -21.80
C GLU A 11 5.76 29.25 -20.67
N PRO A 12 4.82 29.46 -19.73
CA PRO A 12 5.13 30.26 -18.54
C PRO A 12 6.33 29.70 -17.80
N GLU A 13 7.09 30.59 -17.14
CA GLU A 13 8.29 30.20 -16.40
C GLU A 13 8.05 29.02 -15.44
N HIS A 14 6.92 29.03 -14.72
CA HIS A 14 6.69 27.96 -13.74
C HIS A 14 6.42 26.62 -14.42
N VAL A 15 5.85 26.66 -15.62
CA VAL A 15 5.62 25.44 -16.37
C VAL A 15 6.96 24.89 -16.89
N GLN A 16 7.81 25.77 -17.42
CA GLN A 16 9.16 25.37 -17.81
C GLN A 16 9.86 24.68 -16.66
N ARG A 17 9.77 25.27 -15.47
CA ARG A 17 10.39 24.71 -14.27
C ARG A 17 9.84 23.34 -13.95
N LEU A 18 8.52 23.21 -13.95
CA LEU A 18 7.86 21.94 -13.65
C LEU A 18 8.33 20.84 -14.60
N LEU A 19 8.34 21.15 -15.89
CA LEU A 19 8.68 20.17 -16.93
C LEU A 19 10.13 19.71 -16.83
N LEU A 20 11.04 20.66 -16.61
CA LEU A 20 12.47 20.32 -16.49
C LEU A 20 12.76 19.53 -15.21
N SER A 21 12.18 19.97 -14.10
CA SER A 21 12.42 19.32 -12.82
C SER A 21 11.85 17.92 -12.82
N SER A 22 10.69 17.74 -13.45
CA SER A 22 10.08 16.41 -13.46
C SER A 22 10.90 15.44 -14.33
N ARG A 23 11.35 15.93 -15.47
CA ARG A 23 12.23 15.14 -16.36
C ARG A 23 13.55 14.76 -15.67
N GLU A 24 14.18 15.72 -14.99
CA GLU A 24 15.39 15.45 -14.20
C GLU A 24 15.17 14.43 -13.07
N ALA A 25 14.03 14.54 -12.39
CA ALA A 25 13.70 13.67 -11.26
C ALA A 25 13.64 12.20 -11.66
N LYS A 26 13.25 11.97 -12.91
CA LYS A 26 13.11 10.62 -13.47
C LYS A 26 14.45 9.86 -13.46
N LYS A 27 15.57 10.60 -13.56
CA LYS A 27 16.92 9.98 -13.57
C LYS A 27 17.23 9.20 -12.29
N SER A 28 16.57 9.55 -11.19
CA SER A 28 16.84 8.93 -9.89
C SER A 28 15.95 7.72 -9.62
N ALA A 29 15.01 7.44 -10.51
CA ALA A 29 14.08 6.33 -10.30
C ALA A 29 14.79 5.04 -9.93
N TYR A 30 14.22 4.36 -8.94
CA TYR A 30 14.66 3.03 -8.60
C TYR A 30 13.56 2.08 -9.09
N CYS A 31 13.77 1.52 -10.27
CA CYS A 31 12.73 0.72 -10.91
C CYS A 31 13.28 -0.50 -11.64
N PRO A 32 14.07 -1.33 -10.94
CA PRO A 32 14.70 -2.49 -11.59
C PRO A 32 13.67 -3.53 -12.01
N TYR A 33 12.47 -3.48 -11.45
CA TYR A 33 11.47 -4.51 -11.73
C TYR A 33 10.61 -4.16 -12.94
N SER A 34 10.03 -2.97 -12.96
CA SER A 34 9.22 -2.58 -14.12
C SER A 34 10.08 -2.05 -15.28
N ARG A 35 11.25 -1.49 -14.95
CA ARG A 35 12.05 -0.72 -15.91
C ARG A 35 11.21 0.43 -16.48
N PHE A 36 10.28 0.93 -15.67
CA PHE A 36 9.39 2.03 -16.05
C PHE A 36 9.67 3.22 -15.13
N PRO A 37 10.64 4.07 -15.49
CA PRO A 37 10.99 5.18 -14.60
C PRO A 37 9.97 6.32 -14.68
N VAL A 38 9.66 6.89 -13.52
CA VAL A 38 8.77 8.04 -13.45
C VAL A 38 9.39 9.14 -12.58
N GLY A 39 9.31 10.38 -13.05
CA GLY A 39 9.69 11.54 -12.25
C GLY A 39 8.49 12.42 -11.98
N ALA A 40 8.54 13.18 -10.90
CA ALA A 40 7.51 14.15 -10.58
C ALA A 40 8.15 15.39 -10.00
N ALA A 41 7.55 16.55 -10.28
CA ALA A 41 7.99 17.81 -9.68
C ALA A 41 6.75 18.51 -9.17
N LEU A 42 6.79 18.88 -7.88
CA LEU A 42 5.68 19.49 -7.18
C LEU A 42 6.03 20.94 -6.89
N LEU A 43 5.14 21.84 -7.28
CA LEU A 43 5.36 23.26 -7.08
C LEU A 43 4.50 23.77 -5.94
N THR A 44 5.13 24.38 -4.95
CA THR A 44 4.39 24.90 -3.80
C THR A 44 3.93 26.34 -4.05
N GLY A 45 3.04 26.83 -3.20
CA GLY A 45 2.53 28.20 -3.30
C GLY A 45 3.60 29.27 -3.31
N ASP A 46 4.68 29.04 -2.56
CA ASP A 46 5.75 30.03 -2.45
C ASP A 46 6.87 29.85 -3.49
N GLY A 47 6.66 28.94 -4.44
CA GLY A 47 7.56 28.77 -5.58
C GLY A 47 8.62 27.68 -5.45
N ARG A 48 8.69 27.00 -4.31
CA ARG A 48 9.65 25.90 -4.12
C ARG A 48 9.17 24.66 -4.87
N ILE A 49 10.13 23.95 -5.49
CA ILE A 49 9.84 22.69 -6.17
C ILE A 49 10.45 21.51 -5.41
N PHE A 50 9.63 20.48 -5.20
CA PHE A 50 10.07 19.22 -4.60
C PHE A 50 9.98 18.13 -5.64
N SER A 51 11.08 17.40 -5.82
CA SER A 51 11.17 16.38 -6.83
C SER A 51 10.89 15.02 -6.24
N GLY A 52 10.47 14.09 -7.10
CA GLY A 52 10.31 12.72 -6.67
C GLY A 52 10.41 11.76 -7.82
N CYS A 53 10.58 10.49 -7.47
CA CYS A 53 10.67 9.43 -8.47
C CYS A 53 10.06 8.14 -7.92
N ASN A 54 9.71 7.21 -8.79
CA ASN A 54 9.25 5.91 -8.27
C ASN A 54 10.40 5.13 -7.63
N ILE A 55 10.08 4.36 -6.59
CA ILE A 55 11.05 3.56 -5.86
C ILE A 55 10.37 2.22 -5.56
N GLU A 56 10.76 1.21 -6.33
CA GLU A 56 10.10 -0.08 -6.30
C GLU A 56 10.68 -0.94 -5.19
N ASN A 57 10.01 -2.08 -4.98
CA ASN A 57 10.42 -3.04 -3.99
C ASN A 57 10.29 -4.44 -4.59
N ALA A 58 11.16 -5.35 -4.19
CA ALA A 58 11.07 -6.76 -4.63
C ALA A 58 9.66 -7.28 -4.42
N CYS A 59 9.05 -6.88 -3.30
CA CYS A 59 7.62 -7.12 -3.10
C CYS A 59 6.88 -5.96 -3.76
N TYR A 60 6.32 -6.23 -4.95
CA TYR A 60 5.78 -5.16 -5.78
C TYR A 60 4.87 -4.15 -5.03
N PRO A 61 3.90 -4.62 -4.23
CA PRO A 61 3.02 -3.68 -3.50
C PRO A 61 3.72 -2.67 -2.58
N LEU A 62 4.99 -2.91 -2.25
CA LEU A 62 5.73 -2.04 -1.33
C LEU A 62 6.52 -0.93 -2.02
N GLY A 63 6.37 -0.84 -3.33
CA GLY A 63 6.90 0.31 -4.09
C GLY A 63 6.16 1.61 -3.77
N VAL A 64 6.71 2.72 -4.20
CA VAL A 64 6.00 4.01 -4.12
C VAL A 64 6.12 4.74 -5.47
N CYS A 65 5.09 5.52 -5.84
CA CYS A 65 5.11 6.31 -7.06
C CYS A 65 5.85 7.63 -6.92
N ALA A 66 6.25 8.17 -8.07
CA ALA A 66 6.97 9.46 -8.14
C ALA A 66 6.19 10.59 -7.47
N GLU A 67 4.90 10.67 -7.77
CA GLU A 67 4.08 11.78 -7.28
C GLU A 67 4.03 11.76 -5.75
N ARG A 68 3.89 10.56 -5.18
CA ARG A 68 3.83 10.42 -3.73
C ARG A 68 5.19 10.65 -3.07
N THR A 69 6.28 10.20 -3.69
CA THR A 69 7.61 10.57 -3.20
C THR A 69 7.75 12.08 -3.07
N ALA A 70 7.34 12.80 -4.11
CA ALA A 70 7.45 14.29 -4.14
C ALA A 70 6.58 14.93 -3.05
N ILE A 71 5.31 14.50 -2.97
CA ILE A 71 4.38 15.03 -1.97
C ILE A 71 4.87 14.74 -0.56
N GLN A 72 5.33 13.51 -0.34
CA GLN A 72 5.79 13.09 0.98
C GLN A 72 7.04 13.88 1.41
N LYS A 73 7.92 14.15 0.45
CA LYS A 73 9.08 15.01 0.70
C LYS A 73 8.62 16.41 1.13
N ALA A 74 7.70 17.01 0.37
CA ALA A 74 7.23 18.38 0.67
C ALA A 74 6.61 18.45 2.06
N ILE A 75 5.72 17.51 2.36
CA ILE A 75 5.03 17.50 3.66
C ILE A 75 6.01 17.31 4.81
N SER A 76 6.99 16.43 4.63
CA SER A 76 7.96 16.17 5.70
C SER A 76 8.81 17.42 6.02
N GLU A 77 8.85 18.36 5.09
CA GLU A 77 9.61 19.61 5.25
C GLU A 77 8.70 20.82 5.56
N GLY A 78 7.43 20.53 5.84
CA GLY A 78 6.47 21.53 6.34
C GLY A 78 5.68 22.29 5.29
N TYR A 79 5.69 21.79 4.06
CA TYR A 79 4.96 22.39 2.95
C TYR A 79 3.70 21.59 2.64
N LYS A 80 2.56 22.27 2.70
CA LYS A 80 1.27 21.64 2.41
C LYS A 80 0.43 22.41 1.38
N ASP A 81 0.94 23.54 0.89
CA ASP A 81 0.22 24.39 -0.05
C ASP A 81 0.76 24.11 -1.44
N PHE A 82 0.01 23.34 -2.21
CA PHE A 82 0.51 22.87 -3.51
C PHE A 82 -0.25 23.52 -4.66
N ARG A 83 0.50 23.97 -5.65
CA ARG A 83 -0.10 24.65 -6.80
C ARG A 83 -0.20 23.75 -8.03
N ALA A 84 0.82 22.93 -8.25
CA ALA A 84 0.88 22.10 -9.45
C ALA A 84 1.88 20.97 -9.28
N ILE A 85 1.65 19.90 -10.01
CA ILE A 85 2.62 18.81 -10.06
C ILE A 85 2.70 18.32 -11.51
N ALA A 86 3.92 18.11 -11.99
CA ALA A 86 4.16 17.54 -13.30
C ALA A 86 4.73 16.14 -13.15
N ILE A 87 4.36 15.28 -14.10
CA ILE A 87 4.77 13.89 -14.09
C ILE A 87 5.44 13.59 -15.44
N SER A 88 6.55 12.86 -15.36
CA SER A 88 7.36 12.48 -16.53
C SER A 88 7.59 10.97 -16.59
N SER A 89 7.59 10.40 -17.80
CA SER A 89 7.89 8.97 -17.98
C SER A 89 8.70 8.80 -19.28
N ASP A 90 9.06 7.56 -19.60
CA ASP A 90 9.77 7.24 -20.84
C ASP A 90 8.82 6.93 -22.01
N LEU A 91 7.51 7.01 -21.78
CA LEU A 91 6.54 6.77 -22.86
C LEU A 91 6.48 7.95 -23.81
N GLN A 92 6.98 7.75 -25.03
CA GLN A 92 7.01 8.84 -26.01
C GLN A 92 5.62 9.14 -26.57
N GLU A 93 4.76 8.13 -26.60
CA GLU A 93 3.46 8.27 -27.27
C GLU A 93 2.23 8.31 -26.36
N GLU A 94 2.43 8.32 -25.04
CA GLU A 94 1.34 8.55 -24.10
C GLU A 94 1.72 9.64 -23.10
N PHE A 95 0.75 10.48 -22.76
CA PHE A 95 0.88 11.33 -21.57
C PHE A 95 0.87 10.44 -20.35
N ILE A 96 1.80 10.69 -19.43
CA ILE A 96 1.84 9.90 -18.20
C ILE A 96 0.84 10.46 -17.18
N SER A 97 -0.07 9.58 -16.79
CA SER A 97 -1.18 9.94 -15.94
C SER A 97 -0.97 9.39 -14.53
N PRO A 98 -1.40 10.15 -13.48
CA PRO A 98 -1.25 9.61 -12.13
C PRO A 98 -2.21 8.45 -11.88
N CYS A 99 -1.70 7.40 -11.23
CA CYS A 99 -2.57 6.30 -10.76
C CYS A 99 -3.56 6.84 -9.72
N GLY A 100 -4.60 6.03 -9.45
CA GLY A 100 -5.65 6.40 -8.49
C GLY A 100 -5.13 6.66 -7.09
N ALA A 101 -4.12 5.90 -6.66
CA ALA A 101 -3.53 6.09 -5.33
C ALA A 101 -2.89 7.47 -5.21
N CYS A 102 -2.11 7.84 -6.22
CA CYS A 102 -1.50 9.18 -6.28
C CYS A 102 -2.56 10.26 -6.28
N ARG A 103 -3.63 10.08 -7.06
CA ARG A 103 -4.74 11.07 -7.05
C ARG A 103 -5.35 11.25 -5.65
N GLN A 104 -5.48 10.15 -4.90
CA GLN A 104 -6.06 10.21 -3.57
C GLN A 104 -5.14 10.95 -2.59
N VAL A 105 -3.84 10.71 -2.69
CA VAL A 105 -2.87 11.44 -1.87
C VAL A 105 -2.86 12.93 -2.26
N MET A 106 -2.90 13.23 -3.56
CA MET A 106 -3.02 14.64 -4.00
C MET A 106 -4.24 15.30 -3.37
N ARG A 107 -5.36 14.58 -3.39
CA ARG A 107 -6.63 15.12 -2.92
C ARG A 107 -6.64 15.42 -1.41
N GLU A 108 -5.84 14.69 -0.64
CA GLU A 108 -5.76 14.95 0.79
C GLU A 108 -5.35 16.42 1.01
N PHE A 109 -4.60 16.97 0.08
CA PHE A 109 -4.04 18.33 0.17
C PHE A 109 -4.73 19.30 -0.78
N GLY A 110 -5.93 18.92 -1.21
CA GLY A 110 -6.79 19.84 -1.95
C GLY A 110 -7.21 19.34 -3.31
N THR A 111 -8.32 19.88 -3.79
CA THR A 111 -8.83 19.50 -5.12
C THR A 111 -8.50 20.52 -6.20
N ASP A 112 -8.08 21.72 -5.79
CA ASP A 112 -7.96 22.85 -6.71
C ASP A 112 -6.53 23.16 -7.06
N TRP A 113 -5.82 22.14 -7.54
CA TRP A 113 -4.48 22.30 -8.06
C TRP A 113 -4.26 21.45 -9.29
N ALA A 114 -3.21 21.78 -10.05
CA ALA A 114 -3.06 21.34 -11.42
C ALA A 114 -2.10 20.16 -11.55
N VAL A 115 -2.49 19.17 -12.36
CA VAL A 115 -1.62 18.06 -12.71
C VAL A 115 -1.24 18.14 -14.18
N TYR A 116 0.07 18.21 -14.43
CA TYR A 116 0.62 18.25 -15.78
C TYR A 116 1.07 16.85 -16.17
N MET A 117 0.36 16.26 -17.13
CA MET A 117 0.63 14.90 -17.60
C MET A 117 1.40 15.05 -18.92
N THR A 118 2.68 14.71 -18.90
CA THR A 118 3.58 15.06 -19.99
C THR A 118 3.98 13.90 -20.88
N LYS A 119 4.56 14.26 -22.04
CA LYS A 119 5.36 13.35 -22.86
C LYS A 119 6.80 13.87 -22.85
N PRO A 120 7.78 13.01 -23.16
CA PRO A 120 9.18 13.43 -23.29
C PRO A 120 9.45 14.63 -24.22
N ASP A 121 8.60 14.83 -25.24
CA ASP A 121 8.78 15.94 -26.18
C ASP A 121 8.36 17.29 -25.59
N GLY A 122 7.91 17.27 -24.33
CA GLY A 122 7.53 18.49 -23.62
C GLY A 122 6.09 18.91 -23.80
N THR A 123 5.32 18.16 -24.60
CA THR A 123 3.87 18.38 -24.69
C THR A 123 3.19 17.82 -23.43
N PHE A 124 2.00 18.32 -23.12
CA PHE A 124 1.32 17.92 -21.88
C PHE A 124 -0.18 18.18 -21.95
N VAL A 125 -0.90 17.54 -21.04
CA VAL A 125 -2.31 17.77 -20.80
C VAL A 125 -2.42 18.17 -19.32
N VAL A 126 -3.22 19.20 -19.05
CA VAL A 126 -3.44 19.67 -17.67
C VAL A 126 -4.84 19.33 -17.21
N ARG A 127 -4.95 18.72 -16.03
CA ARG A 127 -6.24 18.50 -15.39
C ARG A 127 -6.11 18.85 -13.91
N THR A 128 -7.18 19.29 -13.29
CA THR A 128 -7.17 19.50 -11.84
C THR A 128 -7.33 18.17 -11.11
N VAL A 129 -6.91 18.17 -9.84
CA VAL A 129 -7.18 17.04 -8.95
C VAL A 129 -8.68 16.74 -8.90
N GLN A 130 -9.53 17.77 -8.83
CA GLN A 130 -10.98 17.54 -8.84
C GLN A 130 -11.44 16.75 -10.07
N GLU A 131 -10.92 17.12 -11.24
CA GLU A 131 -11.26 16.44 -12.50
C GLU A 131 -10.74 15.01 -12.53
N LEU A 132 -9.56 14.79 -11.97
CA LEU A 132 -8.96 13.46 -11.94
C LEU A 132 -9.56 12.51 -10.92
N LEU A 133 -10.25 13.09 -9.91
CA LEU A 133 -10.86 12.29 -8.86
C LEU A 133 -12.25 12.85 -8.54
N PRO A 134 -13.20 12.68 -9.48
CA PRO A 134 -14.55 13.22 -9.26
C PRO A 134 -15.23 12.52 -8.11
N ALA A 135 -16.15 13.24 -7.45
CA ALA A 135 -16.86 12.67 -6.30
C ALA A 135 -15.90 12.03 -5.28
N SER A 136 -14.82 12.74 -4.98
CA SER A 136 -13.72 12.14 -4.21
C SER A 136 -14.12 11.73 -2.81
N PHE A 137 -13.65 10.54 -2.40
CA PHE A 137 -13.55 10.18 -1.00
C PHE A 137 -12.53 11.15 -0.39
N GLY A 138 -12.71 11.51 0.88
CA GLY A 138 -11.74 12.41 1.50
C GLY A 138 -12.00 12.62 2.98
N PRO A 139 -11.31 13.60 3.58
CA PRO A 139 -11.50 13.91 5.02
C PRO A 139 -12.95 14.06 5.45
N GLU A 140 -13.83 14.55 4.59
CA GLU A 140 -15.25 14.69 4.96
C GLU A 140 -15.89 13.34 5.33
N ASP A 141 -15.41 12.25 4.73
CA ASP A 141 -15.97 10.93 5.03
C ASP A 141 -15.80 10.53 6.50
N LEU A 142 -14.75 11.05 7.13
CA LEU A 142 -14.45 10.77 8.53
C LEU A 142 -14.81 11.98 9.39
N GLN A 143 -15.56 12.90 8.80
CA GLN A 143 -16.07 14.08 9.50
C GLN A 143 -14.94 14.89 10.14
N LYS A 144 -13.84 15.03 9.39
CA LYS A 144 -12.63 15.74 9.83
C LYS A 144 -12.61 17.21 9.46
N ILE A 145 -13.60 17.64 8.69
CA ILE A 145 -13.72 19.06 8.30
C ILE A 145 -14.78 19.74 9.19
N GLN A 146 -14.31 20.47 10.18
CA GLN A 146 -15.15 21.03 11.24
C GLN A 146 -14.73 22.44 11.64
N GLU B 11 -29.43 -5.39 -14.44
CA GLU B 11 -30.71 -6.13 -14.22
C GLU B 11 -31.22 -5.93 -12.79
N PRO B 12 -32.48 -5.46 -12.64
CA PRO B 12 -33.11 -5.13 -11.34
C PRO B 12 -32.99 -6.20 -10.25
N GLU B 13 -33.12 -7.47 -10.62
CA GLU B 13 -32.87 -8.59 -9.71
C GLU B 13 -31.44 -8.50 -9.14
N HIS B 14 -30.47 -8.40 -10.05
CA HIS B 14 -29.05 -8.37 -9.68
C HIS B 14 -28.69 -7.11 -8.89
N VAL B 15 -29.24 -5.97 -9.28
CA VAL B 15 -28.97 -4.69 -8.60
C VAL B 15 -29.37 -4.77 -7.13
N GLN B 16 -30.57 -5.25 -6.86
CA GLN B 16 -31.07 -5.33 -5.49
C GLN B 16 -30.26 -6.31 -4.62
N ARG B 17 -29.98 -7.49 -5.16
CA ARG B 17 -29.13 -8.47 -4.48
C ARG B 17 -27.77 -7.87 -4.16
N LEU B 18 -27.20 -7.16 -5.14
CA LEU B 18 -25.88 -6.55 -5.02
C LEU B 18 -25.87 -5.48 -3.92
N LEU B 19 -26.86 -4.60 -3.94
CA LEU B 19 -26.96 -3.54 -2.94
C LEU B 19 -27.13 -4.10 -1.53
N LEU B 20 -27.93 -5.15 -1.38
CA LEU B 20 -28.09 -5.80 -0.07
C LEU B 20 -26.84 -6.53 0.37
N SER B 21 -26.18 -7.21 -0.56
CA SER B 21 -24.94 -7.92 -0.26
C SER B 21 -23.88 -6.96 0.28
N SER B 22 -23.76 -5.78 -0.35
CA SER B 22 -22.79 -4.76 0.08
C SER B 22 -23.09 -4.29 1.51
N ARG B 23 -24.37 -4.07 1.80
CA ARG B 23 -24.81 -3.65 3.13
C ARG B 23 -24.49 -4.73 4.18
N GLU B 24 -24.79 -5.99 3.86
CA GLU B 24 -24.52 -7.12 4.75
C GLU B 24 -23.02 -7.32 5.02
N ALA B 25 -22.19 -7.12 3.97
CA ALA B 25 -20.74 -7.29 4.07
C ALA B 25 -20.11 -6.36 5.09
N LYS B 26 -20.72 -5.20 5.24
CA LYS B 26 -20.28 -4.17 6.18
C LYS B 26 -20.21 -4.68 7.62
N LYS B 27 -21.08 -5.65 7.94
CA LYS B 27 -21.13 -6.22 9.27
C LYS B 27 -19.83 -6.91 9.69
N SER B 28 -19.05 -7.35 8.71
CA SER B 28 -17.84 -8.10 9.00
C SER B 28 -16.60 -7.21 9.09
N ALA B 29 -16.77 -5.91 8.80
CA ALA B 29 -15.64 -4.98 8.80
C ALA B 29 -14.77 -5.08 10.05
N TYR B 30 -13.46 -5.07 9.85
CA TYR B 30 -12.53 -5.01 10.95
C TYR B 30 -11.95 -3.60 10.89
N CYS B 31 -12.50 -2.72 11.71
CA CYS B 31 -12.13 -1.31 11.65
C CYS B 31 -12.10 -0.65 13.03
N PRO B 32 -11.32 -1.23 13.97
CA PRO B 32 -11.31 -0.68 15.33
C PRO B 32 -10.63 0.69 15.40
N TYR B 33 -9.86 1.04 14.36
CA TYR B 33 -9.09 2.29 14.39
C TYR B 33 -9.92 3.46 13.89
N SER B 34 -10.55 3.32 12.72
CA SER B 34 -11.40 4.40 12.22
C SER B 34 -12.82 4.36 12.79
N ARG B 35 -13.25 3.17 13.22
CA ARG B 35 -14.66 2.89 13.55
C ARG B 35 -15.57 3.29 12.39
N PHE B 36 -15.06 3.12 11.17
CA PHE B 36 -15.77 3.48 9.94
C PHE B 36 -15.92 2.23 9.06
N PRO B 37 -17.00 1.47 9.27
CA PRO B 37 -17.16 0.21 8.51
C PRO B 37 -17.58 0.46 7.06
N VAL B 38 -17.05 -0.37 6.16
CA VAL B 38 -17.39 -0.26 4.74
C VAL B 38 -17.62 -1.67 4.22
N GLY B 39 -18.70 -1.84 3.47
CA GLY B 39 -18.97 -3.09 2.78
C GLY B 39 -18.97 -2.87 1.28
N ALA B 40 -18.68 -3.92 0.51
CA ALA B 40 -18.74 -3.83 -0.95
C ALA B 40 -19.21 -5.17 -1.49
N ALA B 41 -19.85 -5.16 -2.64
CA ALA B 41 -20.24 -6.39 -3.30
C ALA B 41 -20.10 -6.21 -4.79
N LEU B 42 -19.51 -7.21 -5.43
CA LEU B 42 -19.20 -7.15 -6.85
C LEU B 42 -20.01 -8.22 -7.59
N LEU B 43 -20.55 -7.85 -8.74
CA LEU B 43 -21.32 -8.75 -9.59
C LEU B 43 -20.47 -9.14 -10.79
N THR B 44 -20.32 -10.45 -11.02
CA THR B 44 -19.55 -10.95 -12.15
C THR B 44 -20.44 -11.11 -13.39
N GLY B 45 -19.81 -11.32 -14.54
CA GLY B 45 -20.51 -11.53 -15.80
C GLY B 45 -21.58 -12.61 -15.75
N ASP B 46 -21.33 -13.69 -15.00
CA ASP B 46 -22.25 -14.83 -14.97
C ASP B 46 -23.21 -14.78 -13.78
N GLY B 47 -23.24 -13.66 -13.08
CA GLY B 47 -24.24 -13.44 -12.04
C GLY B 47 -23.79 -13.73 -10.62
N ARG B 48 -22.57 -14.20 -10.45
CA ARG B 48 -22.06 -14.48 -9.10
C ARG B 48 -21.71 -13.17 -8.39
N ILE B 49 -21.96 -13.13 -7.08
CA ILE B 49 -21.64 -11.97 -6.26
C ILE B 49 -20.53 -12.32 -5.27
N PHE B 50 -19.50 -11.47 -5.22
CA PHE B 50 -18.47 -11.58 -4.18
C PHE B 50 -18.50 -10.34 -3.32
N SER B 51 -18.42 -10.52 -2.01
CA SER B 51 -18.47 -9.35 -1.13
C SER B 51 -17.18 -9.18 -0.35
N GLY B 52 -17.06 -8.03 0.31
CA GLY B 52 -15.84 -7.73 1.05
C GLY B 52 -16.09 -6.57 2.00
N CYS B 53 -15.12 -6.34 2.87
CA CYS B 53 -15.23 -5.27 3.86
C CYS B 53 -13.83 -4.70 4.09
N ASN B 54 -13.76 -3.51 4.68
CA ASN B 54 -12.45 -2.98 5.03
C ASN B 54 -11.85 -3.78 6.19
N ILE B 55 -10.53 -3.89 6.19
CA ILE B 55 -9.80 -4.64 7.20
C ILE B 55 -8.55 -3.85 7.55
N GLU B 56 -8.61 -3.19 8.70
CA GLU B 56 -7.59 -2.23 9.11
C GLU B 56 -6.39 -2.92 9.76
N ASN B 57 -5.31 -2.17 9.92
CA ASN B 57 -4.12 -2.64 10.62
C ASN B 57 -3.67 -1.55 11.59
N ALA B 58 -3.09 -1.96 12.72
CA ALA B 58 -2.49 -1.02 13.69
C ALA B 58 -1.57 -0.05 12.97
N CYS B 59 -0.80 -0.54 12.00
CA CYS B 59 -0.11 0.34 11.10
C CYS B 59 -1.07 0.73 9.97
N TYR B 60 -1.57 1.97 10.02
CA TYR B 60 -2.70 2.38 9.17
C TYR B 60 -2.54 2.04 7.67
N PRO B 61 -1.34 2.32 7.08
CA PRO B 61 -1.12 2.00 5.65
C PRO B 61 -1.31 0.56 5.24
N LEU B 62 -1.33 -0.37 6.20
CA LEU B 62 -1.44 -1.80 5.92
C LEU B 62 -2.88 -2.33 5.93
N GLY B 63 -3.84 -1.43 6.09
CA GLY B 63 -5.25 -1.79 5.95
C GLY B 63 -5.58 -2.05 4.48
N VAL B 64 -6.78 -2.55 4.26
CA VAL B 64 -7.32 -2.71 2.91
C VAL B 64 -8.78 -2.25 2.89
N CYS B 65 -9.21 -1.72 1.75
CA CYS B 65 -10.60 -1.28 1.57
C CYS B 65 -11.55 -2.41 1.21
N ALA B 66 -12.84 -2.16 1.43
CA ALA B 66 -13.90 -3.12 1.12
C ALA B 66 -13.90 -3.52 -0.35
N GLU B 67 -13.73 -2.54 -1.24
CA GLU B 67 -13.84 -2.80 -2.68
C GLU B 67 -12.75 -3.75 -3.11
N ARG B 68 -11.55 -3.53 -2.58
CA ARG B 68 -10.42 -4.39 -2.91
C ARG B 68 -10.53 -5.77 -2.28
N THR B 69 -11.04 -5.87 -1.05
CA THR B 69 -11.32 -7.18 -0.48
C THR B 69 -12.25 -7.99 -1.39
N ALA B 70 -13.33 -7.37 -1.85
CA ALA B 70 -14.29 -8.03 -2.77
C ALA B 70 -13.66 -8.44 -4.10
N ILE B 71 -12.97 -7.50 -4.76
CA ILE B 71 -12.29 -7.77 -6.02
C ILE B 71 -11.25 -8.88 -5.90
N GLN B 72 -10.43 -8.78 -4.85
CA GLN B 72 -9.38 -9.78 -4.61
C GLN B 72 -9.97 -11.18 -4.36
N LYS B 73 -11.09 -11.25 -3.66
CA LYS B 73 -11.77 -12.52 -3.45
C LYS B 73 -12.24 -13.10 -4.79
N ALA B 74 -12.89 -12.27 -5.61
CA ALA B 74 -13.40 -12.72 -6.91
C ALA B 74 -12.28 -13.26 -7.81
N ILE B 75 -11.19 -12.50 -7.90
CA ILE B 75 -10.05 -12.89 -8.75
C ILE B 75 -9.43 -14.21 -8.26
N SER B 76 -9.31 -14.35 -6.93
CA SER B 76 -8.68 -15.53 -6.35
C SER B 76 -9.49 -16.78 -6.66
N GLU B 77 -10.77 -16.60 -6.98
CA GLU B 77 -11.67 -17.71 -7.26
C GLU B 77 -11.89 -17.89 -8.76
N GLY B 78 -11.14 -17.12 -9.54
CA GLY B 78 -11.04 -17.28 -10.99
C GLY B 78 -11.97 -16.40 -11.80
N TYR B 79 -12.48 -15.34 -11.18
CA TYR B 79 -13.41 -14.43 -11.84
C TYR B 79 -12.77 -13.08 -12.08
N LYS B 80 -12.72 -12.68 -13.34
CA LYS B 80 -12.13 -11.39 -13.72
C LYS B 80 -13.06 -10.55 -14.59
N ASP B 81 -14.28 -11.03 -14.81
CA ASP B 81 -15.28 -10.32 -15.62
C ASP B 81 -16.32 -9.70 -14.71
N PHE B 82 -16.23 -8.40 -14.51
CA PHE B 82 -17.07 -7.69 -13.55
C PHE B 82 -18.06 -6.75 -14.22
N ARG B 83 -19.30 -6.77 -13.74
CA ARG B 83 -20.35 -5.93 -14.31
C ARG B 83 -20.66 -4.69 -13.47
N ALA B 84 -20.56 -4.86 -12.15
CA ALA B 84 -20.92 -3.79 -11.22
C ALA B 84 -20.33 -4.03 -9.85
N ILE B 85 -20.17 -2.95 -9.09
CA ILE B 85 -19.77 -3.04 -7.70
C ILE B 85 -20.56 -1.99 -6.91
N ALA B 86 -21.07 -2.41 -5.76
CA ALA B 86 -21.85 -1.54 -4.87
C ALA B 86 -21.05 -1.36 -3.59
N ILE B 87 -21.11 -0.15 -3.04
CA ILE B 87 -20.35 0.18 -1.83
C ILE B 87 -21.30 0.76 -0.80
N SER B 88 -21.15 0.32 0.46
CA SER B 88 -21.98 0.78 1.57
C SER B 88 -21.13 1.21 2.76
N SER B 89 -21.62 2.21 3.49
CA SER B 89 -20.95 2.66 4.69
C SER B 89 -22.03 3.11 5.67
N ASP B 90 -21.62 3.61 6.84
CA ASP B 90 -22.54 4.16 7.82
C ASP B 90 -22.67 5.67 7.68
N LEU B 91 -21.96 6.25 6.71
CA LEU B 91 -21.98 7.70 6.54
C LEU B 91 -23.32 8.14 5.96
N GLN B 92 -24.09 8.89 6.74
CA GLN B 92 -25.45 9.26 6.35
C GLN B 92 -25.48 10.42 5.36
N GLU B 93 -24.59 11.39 5.53
CA GLU B 93 -24.65 12.66 4.80
C GLU B 93 -24.14 12.66 3.36
N GLU B 94 -23.44 11.60 2.96
CA GLU B 94 -22.90 11.54 1.61
C GLU B 94 -22.85 10.09 1.13
N PHE B 95 -23.04 9.90 -0.17
CA PHE B 95 -22.81 8.61 -0.82
C PHE B 95 -21.36 8.20 -0.59
N ILE B 96 -21.15 6.94 -0.25
CA ILE B 96 -19.80 6.43 -0.07
C ILE B 96 -19.14 6.22 -1.43
N SER B 97 -18.04 6.93 -1.66
CA SER B 97 -17.33 6.93 -2.93
C SER B 97 -16.03 6.13 -2.80
N PRO B 98 -15.63 5.37 -3.85
CA PRO B 98 -14.36 4.63 -3.71
C PRO B 98 -13.15 5.57 -3.67
N CYS B 99 -12.17 5.23 -2.84
CA CYS B 99 -10.92 5.98 -2.85
C CYS B 99 -10.20 5.74 -4.19
N GLY B 100 -9.17 6.54 -4.47
CA GLY B 100 -8.45 6.42 -5.74
C GLY B 100 -7.78 5.09 -5.93
N ALA B 101 -7.28 4.50 -4.84
CA ALA B 101 -6.61 3.17 -4.90
C ALA B 101 -7.61 2.10 -5.37
N CYS B 102 -8.82 2.11 -4.79
CA CYS B 102 -9.87 1.19 -5.23
C CYS B 102 -10.25 1.41 -6.68
N ARG B 103 -10.33 2.68 -7.09
CA ARG B 103 -10.65 3.00 -8.50
C ARG B 103 -9.60 2.41 -9.43
N GLN B 104 -8.34 2.47 -9.04
CA GLN B 104 -7.24 1.95 -9.88
C GLN B 104 -7.28 0.43 -9.99
N VAL B 105 -7.64 -0.22 -8.89
CA VAL B 105 -7.79 -1.69 -8.89
C VAL B 105 -9.00 -2.09 -9.74
N MET B 106 -10.10 -1.35 -9.64
CA MET B 106 -11.26 -1.58 -10.51
C MET B 106 -10.86 -1.47 -11.96
N ARG B 107 -10.06 -0.44 -12.25
CA ARG B 107 -9.67 -0.13 -13.63
C ARG B 107 -8.79 -1.21 -14.26
N GLU B 108 -8.06 -1.94 -13.43
CA GLU B 108 -7.21 -3.02 -13.92
C GLU B 108 -8.06 -4.04 -14.69
N PHE B 109 -9.34 -4.08 -14.36
CA PHE B 109 -10.26 -5.09 -14.92
C PHE B 109 -11.36 -4.47 -15.79
N GLY B 110 -11.08 -3.27 -16.29
CA GLY B 110 -11.95 -2.62 -17.26
C GLY B 110 -12.45 -1.28 -16.77
N THR B 111 -12.93 -0.48 -17.71
CA THR B 111 -13.40 0.87 -17.40
C THR B 111 -14.91 1.05 -17.56
N ASP B 112 -15.57 0.11 -18.23
CA ASP B 112 -16.95 0.32 -18.67
C ASP B 112 -18.01 -0.08 -17.63
N TRP B 113 -17.58 -0.66 -16.51
CA TRP B 113 -18.50 -1.23 -15.54
C TRP B 113 -18.95 -0.26 -14.45
N ALA B 114 -20.01 -0.62 -13.73
CA ALA B 114 -20.77 0.33 -12.92
C ALA B 114 -20.42 0.32 -11.45
N VAL B 115 -20.33 1.51 -10.86
CA VAL B 115 -20.06 1.66 -9.44
C VAL B 115 -21.27 2.31 -8.76
N TYR B 116 -21.91 1.57 -7.85
CA TYR B 116 -23.07 2.04 -7.08
C TYR B 116 -22.59 2.59 -5.75
N MET B 117 -22.74 3.91 -5.59
CA MET B 117 -22.30 4.62 -4.39
C MET B 117 -23.53 4.95 -3.56
N THR B 118 -23.64 4.30 -2.41
CA THR B 118 -24.88 4.32 -1.64
C THR B 118 -24.84 5.15 -0.35
N LYS B 119 -26.03 5.44 0.18
CA LYS B 119 -26.20 5.93 1.54
C LYS B 119 -26.95 4.86 2.35
N PRO B 120 -26.86 4.91 3.71
CA PRO B 120 -27.58 3.94 4.54
C PRO B 120 -29.10 3.87 4.30
N ASP B 121 -29.70 4.96 3.80
CA ASP B 121 -31.14 5.00 3.53
C ASP B 121 -31.57 4.30 2.24
N GLY B 122 -30.60 3.82 1.46
CA GLY B 122 -30.87 3.07 0.24
C GLY B 122 -30.81 3.88 -1.04
N THR B 123 -30.65 5.19 -0.90
CA THR B 123 -30.41 6.03 -2.07
C THR B 123 -28.99 5.78 -2.57
N PHE B 124 -28.76 6.04 -3.86
CA PHE B 124 -27.47 5.81 -4.48
C PHE B 124 -27.33 6.61 -5.77
N VAL B 125 -26.09 6.75 -6.20
CA VAL B 125 -25.77 7.30 -7.51
C VAL B 125 -24.80 6.31 -8.18
N VAL B 126 -24.89 6.22 -9.50
CA VAL B 126 -24.09 5.27 -10.27
C VAL B 126 -23.16 6.03 -11.20
N ARG B 127 -21.89 5.63 -11.24
CA ARG B 127 -20.95 6.13 -12.25
C ARG B 127 -20.12 4.95 -12.72
N THR B 128 -19.65 5.00 -13.96
CA THR B 128 -18.73 3.98 -14.43
C THR B 128 -17.34 4.20 -13.86
N VAL B 129 -16.53 3.15 -13.89
CA VAL B 129 -15.13 3.24 -13.50
C VAL B 129 -14.43 4.34 -14.33
N GLN B 130 -14.71 4.40 -15.64
CA GLN B 130 -14.13 5.45 -16.51
C GLN B 130 -14.46 6.86 -16.03
N GLU B 131 -15.73 7.09 -15.68
CA GLU B 131 -16.16 8.38 -15.17
C GLU B 131 -15.50 8.74 -13.83
N LEU B 132 -15.19 7.72 -13.03
CA LEU B 132 -14.55 7.93 -11.72
C LEU B 132 -13.03 8.05 -11.80
N LEU B 133 -12.46 7.62 -12.93
CA LEU B 133 -11.01 7.64 -13.07
C LEU B 133 -10.65 8.07 -14.49
N PRO B 134 -10.90 9.35 -14.83
CA PRO B 134 -10.69 9.76 -16.22
C PRO B 134 -9.23 9.79 -16.58
N ALA B 135 -8.94 9.65 -17.89
CA ALA B 135 -7.57 9.70 -18.40
C ALA B 135 -6.64 8.80 -17.57
N SER B 136 -7.08 7.58 -17.32
CA SER B 136 -6.40 6.72 -16.35
C SER B 136 -5.06 6.13 -16.81
N PHE B 137 -4.18 5.95 -15.83
CA PHE B 137 -3.04 5.08 -15.96
C PHE B 137 -3.60 3.66 -15.98
N GLY B 138 -2.98 2.76 -16.72
CA GLY B 138 -3.50 1.40 -16.75
C GLY B 138 -2.54 0.43 -17.38
N PRO B 139 -2.99 -0.83 -17.57
CA PRO B 139 -2.15 -1.86 -18.20
C PRO B 139 -1.49 -1.41 -19.51
N GLU B 140 -2.18 -0.57 -20.28
CA GLU B 140 -1.67 -0.08 -21.56
C GLU B 140 -0.32 0.62 -21.42
N ASP B 141 -0.09 1.26 -20.27
CA ASP B 141 1.18 1.95 -20.02
C ASP B 141 2.38 1.02 -20.08
N LEU B 142 2.16 -0.24 -19.71
CA LEU B 142 3.23 -1.22 -19.60
C LEU B 142 3.26 -2.21 -20.76
N GLN B 143 2.32 -2.05 -21.69
CA GLN B 143 2.21 -2.96 -22.83
C GLN B 143 3.15 -2.57 -23.98
N LYS B 144 3.58 -3.58 -24.72
CA LYS B 144 4.43 -3.46 -25.92
C LYS B 144 5.82 -3.98 -25.65
N VAL C 10 0.02 -28.25 14.53
CA VAL C 10 -0.91 -28.52 13.37
C VAL C 10 -0.71 -29.94 12.85
N GLU C 11 -1.80 -30.71 12.82
CA GLU C 11 -1.81 -32.12 12.39
C GLU C 11 -1.31 -32.25 10.95
N PRO C 12 -0.52 -33.30 10.65
CA PRO C 12 0.00 -33.54 9.29
C PRO C 12 -1.08 -33.51 8.19
N GLU C 13 -2.31 -33.81 8.58
CA GLU C 13 -3.44 -33.82 7.66
C GLU C 13 -3.86 -32.40 7.30
N HIS C 14 -3.92 -31.53 8.32
CA HIS C 14 -4.20 -30.13 8.09
C HIS C 14 -3.08 -29.47 7.29
N VAL C 15 -1.83 -29.82 7.60
CA VAL C 15 -0.67 -29.32 6.85
C VAL C 15 -0.74 -29.71 5.37
N GLN C 16 -1.08 -30.97 5.07
CA GLN C 16 -1.22 -31.39 3.69
C GLN C 16 -2.36 -30.65 3.01
N ARG C 17 -3.50 -30.52 3.70
CA ARG C 17 -4.62 -29.75 3.15
C ARG C 17 -4.20 -28.31 2.82
N LEU C 18 -3.45 -27.70 3.74
CA LEU C 18 -2.91 -26.34 3.54
C LEU C 18 -1.95 -26.26 2.35
N LEU C 19 -1.03 -27.22 2.26
CA LEU C 19 -0.09 -27.26 1.14
C LEU C 19 -0.81 -27.36 -0.21
N LEU C 20 -1.76 -28.29 -0.31
CA LEU C 20 -2.53 -28.46 -1.55
C LEU C 20 -3.38 -27.24 -1.88
N SER C 21 -3.99 -26.66 -0.85
CA SER C 21 -4.83 -25.48 -1.03
C SER C 21 -4.02 -24.30 -1.56
N SER C 22 -2.81 -24.14 -1.03
CA SER C 22 -1.93 -23.02 -1.40
C SER C 22 -1.44 -23.17 -2.86
N ARG C 23 -1.11 -24.40 -3.23
CA ARG C 23 -0.62 -24.70 -4.58
C ARG C 23 -1.74 -24.54 -5.59
N GLU C 24 -2.95 -24.98 -5.21
CA GLU C 24 -4.13 -24.81 -6.06
C GLU C 24 -4.49 -23.33 -6.24
N ALA C 25 -4.42 -22.56 -5.15
CA ALA C 25 -4.73 -21.13 -5.19
C ALA C 25 -3.77 -20.37 -6.10
N LYS C 26 -2.51 -20.82 -6.12
CA LYS C 26 -1.46 -20.22 -6.95
C LYS C 26 -1.82 -20.23 -8.44
N LYS C 27 -2.62 -21.22 -8.86
CA LYS C 27 -3.06 -21.31 -10.25
C LYS C 27 -3.91 -20.12 -10.70
N SER C 28 -4.52 -19.41 -9.75
CA SER C 28 -5.41 -18.29 -10.06
C SER C 28 -4.67 -16.96 -9.98
N ALA C 29 -3.40 -16.99 -9.59
CA ALA C 29 -2.61 -15.76 -9.46
C ALA C 29 -2.79 -14.85 -10.67
N TYR C 30 -2.98 -13.57 -10.39
CA TYR C 30 -3.00 -12.57 -11.44
C TYR C 30 -1.68 -11.82 -11.33
N CYS C 31 -0.72 -12.23 -12.14
CA CYS C 31 0.64 -11.67 -12.03
C CYS C 31 1.32 -11.50 -13.39
N PRO C 32 0.69 -10.78 -14.34
CA PRO C 32 1.27 -10.62 -15.68
C PRO C 32 2.52 -9.73 -15.70
N TYR C 33 2.72 -8.96 -14.63
CA TYR C 33 3.85 -8.04 -14.53
C TYR C 33 5.12 -8.73 -14.03
N SER C 34 5.03 -9.41 -12.89
CA SER C 34 6.19 -10.15 -12.38
C SER C 34 6.35 -11.53 -12.99
N ARG C 35 5.25 -12.13 -13.43
CA ARG C 35 5.20 -13.53 -13.83
C ARG C 35 5.76 -14.41 -12.70
N PHE C 36 5.43 -13.98 -11.48
CA PHE C 36 5.86 -14.64 -10.25
C PHE C 36 4.59 -15.01 -9.44
N PRO C 37 4.01 -16.19 -9.71
N PRO C 37 3.99 -16.18 -9.73
CA PRO C 37 2.78 -16.60 -9.01
C PRO C 37 3.05 -17.03 -7.57
N VAL C 38 2.16 -16.60 -6.67
CA VAL C 38 2.22 -16.99 -5.26
C VAL C 38 0.84 -17.46 -4.82
N GLY C 39 0.79 -18.56 -4.08
CA GLY C 39 -0.45 -19.00 -3.44
C GLY C 39 -0.28 -19.08 -1.93
N ALA C 40 -1.39 -18.96 -1.21
CA ALA C 40 -1.37 -19.06 0.24
C ALA C 40 -2.66 -19.70 0.70
N ALA C 41 -2.60 -20.39 1.83
CA ALA C 41 -3.78 -21.00 2.41
C ALA C 41 -3.64 -20.88 3.91
N LEU C 42 -4.71 -20.45 4.58
CA LEU C 42 -4.69 -20.35 6.05
C LEU C 42 -5.72 -21.27 6.69
N LEU C 43 -5.38 -21.72 7.89
CA LEU C 43 -6.23 -22.60 8.65
C LEU C 43 -6.76 -21.85 9.88
N THR C 44 -8.09 -21.79 9.99
CA THR C 44 -8.74 -21.16 11.15
C THR C 44 -8.82 -22.11 12.36
N GLY C 45 -9.13 -21.56 13.54
CA GLY C 45 -9.30 -22.37 14.74
C GLY C 45 -10.26 -23.54 14.61
N ASP C 46 -11.37 -23.32 13.89
CA ASP C 46 -12.39 -24.37 13.74
C ASP C 46 -12.13 -25.31 12.55
N GLY C 47 -11.00 -25.13 11.90
CA GLY C 47 -10.57 -26.05 10.84
C GLY C 47 -10.90 -25.66 9.42
N ARG C 48 -11.51 -24.49 9.23
CA ARG C 48 -11.80 -24.01 7.88
C ARG C 48 -10.53 -23.47 7.22
N ILE C 49 -10.42 -23.70 5.92
CA ILE C 49 -9.29 -23.20 5.13
C ILE C 49 -9.74 -22.13 4.14
N PHE C 50 -9.01 -21.01 4.15
CA PHE C 50 -9.19 -19.97 3.15
C PHE C 50 -7.91 -19.79 2.38
N SER C 51 -8.04 -19.65 1.07
CA SER C 51 -6.85 -19.50 0.23
C SER C 51 -6.82 -18.18 -0.53
N GLY C 52 -5.66 -17.87 -1.10
CA GLY C 52 -5.50 -16.62 -1.84
C GLY C 52 -4.30 -16.71 -2.74
N CYS C 53 -4.18 -15.71 -3.62
CA CYS C 53 -3.08 -15.62 -4.56
C CYS C 53 -2.68 -14.15 -4.69
N ASN C 54 -1.49 -13.90 -5.22
CA ASN C 54 -1.16 -12.52 -5.52
C ASN C 54 -1.98 -11.97 -6.69
N ILE C 55 -2.29 -10.68 -6.61
CA ILE C 55 -3.11 -10.01 -7.59
C ILE C 55 -2.47 -8.67 -7.86
N GLU C 56 -1.80 -8.57 -9.00
CA GLU C 56 -0.97 -7.42 -9.33
C GLU C 56 -1.77 -6.31 -9.98
N ASN C 57 -1.15 -5.14 -10.11
CA ASN C 57 -1.76 -3.98 -10.75
C ASN C 57 -0.73 -3.34 -11.67
N ALA C 58 -1.20 -2.73 -12.76
CA ALA C 58 -0.31 -1.99 -13.67
C ALA C 58 0.51 -0.97 -12.89
N CYS C 59 -0.09 -0.34 -11.89
CA CYS C 59 0.68 0.43 -10.93
C CYS C 59 1.16 -0.54 -9.83
N TYR C 60 2.46 -0.87 -9.85
CA TYR C 60 3.00 -1.95 -9.04
C TYR C 60 2.59 -1.88 -7.55
N PRO C 61 2.67 -0.69 -6.90
CA PRO C 61 2.27 -0.55 -5.48
C PRO C 61 0.84 -0.98 -5.14
N LEU C 62 -0.03 -1.12 -6.14
CA LEU C 62 -1.45 -1.43 -5.91
C LEU C 62 -1.77 -2.92 -6.00
N GLY C 63 -0.74 -3.73 -6.18
CA GLY C 63 -0.93 -5.18 -6.04
C GLY C 63 -1.19 -5.61 -4.60
N VAL C 64 -1.51 -6.89 -4.42
CA VAL C 64 -1.63 -7.48 -3.11
C VAL C 64 -1.00 -8.87 -3.14
N CYS C 65 -0.42 -9.26 -2.01
CA CYS C 65 0.18 -10.58 -1.84
C CYS C 65 -0.84 -11.68 -1.58
N ALA C 66 -0.45 -12.90 -1.93
CA ALA C 66 -1.24 -14.10 -1.64
C ALA C 66 -1.69 -14.22 -0.18
N GLU C 67 -0.77 -14.04 0.76
CA GLU C 67 -1.07 -14.18 2.19
C GLU C 67 -2.19 -13.23 2.60
N ARG C 68 -2.12 -11.99 2.11
CA ARG C 68 -3.13 -11.01 2.45
C ARG C 68 -4.44 -11.27 1.76
N THR C 69 -4.42 -11.75 0.52
CA THR C 69 -5.68 -12.15 -0.14
C THR C 69 -6.40 -13.22 0.70
N ALA C 70 -5.65 -14.21 1.16
CA ALA C 70 -6.19 -15.29 2.01
C ALA C 70 -6.72 -14.78 3.35
N ILE C 71 -5.94 -13.94 4.02
CA ILE C 71 -6.34 -13.42 5.34
C ILE C 71 -7.59 -12.54 5.22
N GLN C 72 -7.59 -11.68 4.19
CA GLN C 72 -8.68 -10.74 3.94
C GLN C 72 -9.99 -11.46 3.58
N LYS C 73 -9.87 -12.55 2.82
CA LYS C 73 -11.00 -13.41 2.53
C LYS C 73 -11.56 -14.00 3.82
N ALA C 74 -10.70 -14.58 4.65
CA ALA C 74 -11.12 -15.17 5.94
C ALA C 74 -11.86 -14.14 6.82
N ILE C 75 -11.25 -12.98 7.02
CA ILE C 75 -11.84 -11.94 7.87
C ILE C 75 -13.21 -11.51 7.34
N SER C 76 -13.29 -11.31 6.02
CA SER C 76 -14.54 -10.88 5.39
C SER C 76 -15.70 -11.84 5.65
N GLU C 77 -15.37 -13.09 5.94
CA GLU C 77 -16.38 -14.13 6.20
C GLU C 77 -16.53 -14.42 7.70
N GLY C 78 -15.90 -13.59 8.52
CA GLY C 78 -16.11 -13.61 9.97
C GLY C 78 -15.09 -14.41 10.77
N TYR C 79 -13.99 -14.78 10.14
CA TYR C 79 -12.96 -15.57 10.82
C TYR C 79 -11.73 -14.75 11.13
N LYS C 80 -11.38 -14.65 12.41
CA LYS C 80 -10.19 -13.91 12.85
C LYS C 80 -9.27 -14.74 13.75
N ASP C 81 -9.58 -16.03 13.88
CA ASP C 81 -8.80 -16.95 14.72
C ASP C 81 -8.01 -17.88 13.79
N PHE C 82 -6.70 -17.64 13.70
CA PHE C 82 -5.86 -18.32 12.73
C PHE C 82 -4.82 -19.20 13.39
N ARG C 83 -4.69 -20.44 12.89
CA ARG C 83 -3.76 -21.42 13.43
C ARG C 83 -2.46 -21.49 12.62
N ALA C 84 -2.59 -21.41 11.29
CA ALA C 84 -1.45 -21.59 10.40
C ALA C 84 -1.72 -20.97 9.04
N ILE C 85 -0.64 -20.64 8.35
CA ILE C 85 -0.73 -20.23 6.95
C ILE C 85 0.44 -20.84 6.17
N ALA C 86 0.13 -21.40 5.01
CA ALA C 86 1.15 -21.96 4.11
C ALA C 86 1.28 -21.11 2.86
N ILE C 87 2.51 -20.95 2.39
CA ILE C 87 2.78 -20.14 1.20
C ILE C 87 3.51 -20.97 0.16
N SER C 88 3.10 -20.82 -1.10
CA SER C 88 3.69 -21.57 -2.23
C SER C 88 4.10 -20.64 -3.36
N SER C 89 5.21 -20.98 -4.03
CA SER C 89 5.65 -20.22 -5.20
C SER C 89 6.29 -21.18 -6.20
N ASP C 90 6.77 -20.64 -7.32
CA ASP C 90 7.43 -21.45 -8.33
C ASP C 90 8.95 -21.48 -8.17
N LEU C 91 9.47 -20.79 -7.14
CA LEU C 91 10.91 -20.81 -6.84
C LEU C 91 11.35 -22.19 -6.38
N GLN C 92 12.18 -22.85 -7.17
CA GLN C 92 12.61 -24.21 -6.84
C GLN C 92 13.67 -24.22 -5.74
N GLU C 93 14.51 -23.19 -5.71
CA GLU C 93 15.73 -23.19 -4.88
C GLU C 93 15.59 -22.45 -3.53
N GLU C 94 14.47 -21.75 -3.34
CA GLU C 94 14.24 -20.99 -2.12
C GLU C 94 12.88 -21.33 -1.51
N PHE C 95 12.83 -21.41 -0.19
CA PHE C 95 11.55 -21.44 0.52
C PHE C 95 10.91 -20.07 0.33
N ILE C 96 9.61 -20.05 0.01
CA ILE C 96 8.93 -18.77 -0.20
C ILE C 96 8.54 -18.16 1.16
N SER C 97 9.07 -16.95 1.38
CA SER C 97 8.96 -16.27 2.65
C SER C 97 8.01 -15.08 2.55
N PRO C 98 7.21 -14.85 3.61
CA PRO C 98 6.30 -13.71 3.52
C PRO C 98 7.07 -12.38 3.60
N CYS C 99 6.69 -11.43 2.75
CA CYS C 99 7.23 -10.08 2.84
C CYS C 99 6.80 -9.43 4.16
N GLY C 100 7.45 -8.32 4.50
CA GLY C 100 7.21 -7.68 5.79
C GLY C 100 5.79 -7.16 5.98
N ALA C 101 5.17 -6.70 4.89
CA ALA C 101 3.77 -6.25 4.94
C ALA C 101 2.82 -7.40 5.31
N CYS C 102 3.02 -8.56 4.68
CA CYS C 102 2.27 -9.76 5.05
C CYS C 102 2.47 -10.16 6.51
N ARG C 103 3.72 -10.11 6.99
CA ARG C 103 4.05 -10.43 8.39
C ARG C 103 3.28 -9.50 9.33
N GLN C 104 3.23 -8.21 8.98
CA GLN C 104 2.50 -7.23 9.78
C GLN C 104 0.98 -7.46 9.81
N VAL C 105 0.42 -7.88 8.69
CA VAL C 105 -1.01 -8.19 8.64
C VAL C 105 -1.29 -9.46 9.46
N MET C 106 -0.42 -10.45 9.31
CA MET C 106 -0.50 -11.65 10.15
C MET C 106 -0.51 -11.28 11.62
N ARG C 107 0.42 -10.41 12.01
CA ARG C 107 0.61 -10.04 13.41
C ARG C 107 -0.61 -9.34 13.99
N GLU C 108 -1.39 -8.68 13.14
CA GLU C 108 -2.60 -8.01 13.62
C GLU C 108 -3.52 -9.00 14.33
N PHE C 109 -3.42 -10.28 13.94
CA PHE C 109 -4.31 -11.33 14.44
C PHE C 109 -3.57 -12.38 15.29
N GLY C 110 -2.44 -11.95 15.84
CA GLY C 110 -1.71 -12.75 16.83
C GLY C 110 -0.29 -13.03 16.41
N THR C 111 0.54 -13.41 17.38
CA THR C 111 1.96 -13.67 17.13
C THR C 111 2.35 -15.15 17.23
N ASP C 112 1.49 -15.94 17.87
CA ASP C 112 1.85 -17.32 18.23
C ASP C 112 1.64 -18.37 17.13
N TRP C 113 1.00 -17.98 16.03
CA TRP C 113 0.62 -18.94 14.98
C TRP C 113 1.70 -19.22 13.94
N ALA C 114 1.52 -20.32 13.20
CA ALA C 114 2.58 -20.89 12.36
C ALA C 114 2.54 -20.48 10.89
N VAL C 115 3.72 -20.20 10.35
CA VAL C 115 3.90 -19.85 8.94
C VAL C 115 4.75 -20.93 8.26
N TYR C 116 4.15 -21.62 7.29
CA TYR C 116 4.83 -22.66 6.51
C TYR C 116 5.33 -22.09 5.20
N MET C 117 6.65 -21.96 5.12
CA MET C 117 7.32 -21.41 3.93
C MET C 117 7.83 -22.60 3.11
N THR C 118 7.23 -22.83 1.95
CA THR C 118 7.45 -24.07 1.21
C THR C 118 8.33 -23.94 -0.02
N LYS C 119 8.80 -25.09 -0.50
CA LYS C 119 9.32 -25.24 -1.86
C LYS C 119 8.33 -26.08 -2.68
N PRO C 120 8.44 -26.04 -4.03
CA PRO C 120 7.57 -26.81 -4.92
C PRO C 120 7.55 -28.32 -4.64
N ASP C 121 8.61 -28.86 -4.03
CA ASP C 121 8.66 -30.30 -3.73
C ASP C 121 7.92 -30.71 -2.45
N GLY C 122 7.45 -29.71 -1.69
CA GLY C 122 6.68 -29.98 -0.50
C GLY C 122 7.48 -29.87 0.78
N THR C 123 8.79 -29.68 0.65
CA THR C 123 9.64 -29.36 1.80
C THR C 123 9.29 -27.95 2.26
N PHE C 124 9.54 -27.67 3.53
CA PHE C 124 9.15 -26.39 4.11
C PHE C 124 9.96 -26.07 5.35
N VAL C 125 9.94 -24.79 5.71
CA VAL C 125 10.44 -24.29 6.99
C VAL C 125 9.24 -23.66 7.69
N VAL C 126 9.06 -23.99 8.97
CA VAL C 126 7.98 -23.40 9.75
C VAL C 126 8.54 -22.48 10.84
N ARG C 127 7.98 -21.28 10.91
CA ARG C 127 8.32 -20.32 11.95
C ARG C 127 7.03 -19.67 12.44
N THR C 128 7.03 -19.18 13.68
CA THR C 128 5.89 -18.42 14.16
C THR C 128 5.90 -17.00 13.61
N VAL C 129 4.73 -16.35 13.64
CA VAL C 129 4.64 -14.92 13.32
C VAL C 129 5.63 -14.12 14.19
N GLN C 130 5.69 -14.43 15.49
CA GLN C 130 6.65 -13.78 16.40
C GLN C 130 8.10 -13.89 15.92
N GLU C 131 8.49 -15.09 15.50
CA GLU C 131 9.84 -15.33 15.01
C GLU C 131 10.14 -14.55 13.73
N LEU C 132 9.12 -14.37 12.89
CA LEU C 132 9.33 -13.66 11.63
C LEU C 132 9.25 -12.13 11.75
N LEU C 133 8.69 -11.67 12.86
CA LEU C 133 8.46 -10.25 13.07
C LEU C 133 8.71 -9.92 14.55
N PRO C 134 9.98 -10.04 14.98
CA PRO C 134 10.25 -9.83 16.41
C PRO C 134 10.15 -8.36 16.82
N ALA C 135 9.93 -8.13 18.11
CA ALA C 135 9.80 -6.77 18.66
C ALA C 135 8.84 -5.96 17.79
N SER C 136 7.68 -6.53 17.50
CA SER C 136 6.83 -5.97 16.47
C SER C 136 6.04 -4.74 16.92
N PHE C 137 5.81 -3.84 15.96
CA PHE C 137 4.76 -2.85 16.08
C PHE C 137 3.43 -3.59 16.06
N GLY C 138 2.44 -3.06 16.78
CA GLY C 138 1.15 -3.74 16.83
C GLY C 138 0.07 -2.92 17.49
N PRO C 139 -1.14 -3.50 17.60
CA PRO C 139 -2.26 -2.80 18.22
C PRO C 139 -1.95 -2.15 19.57
N GLU C 140 -1.02 -2.73 20.32
CA GLU C 140 -0.68 -2.19 21.64
C GLU C 140 -0.02 -0.83 21.58
N ASP C 141 0.60 -0.51 20.44
CA ASP C 141 1.22 0.81 20.25
C ASP C 141 0.20 1.93 20.30
N LEU C 142 -1.05 1.61 19.97
CA LEU C 142 -2.11 2.61 19.86
C LEU C 142 -3.14 2.58 21.01
N GLN C 143 -2.86 1.74 22.00
CA GLN C 143 -3.76 1.59 23.15
C GLN C 143 -3.70 2.81 24.05
N GLU D 11 26.70 8.86 24.30
CA GLU D 11 26.49 8.28 22.93
C GLU D 11 27.43 8.90 21.90
N PRO D 12 27.84 8.10 20.87
CA PRO D 12 28.62 8.64 19.76
C PRO D 12 27.93 9.80 19.06
N GLU D 13 28.70 10.70 18.46
CA GLU D 13 28.16 11.89 17.82
C GLU D 13 27.10 11.55 16.77
N HIS D 14 27.34 10.52 15.97
CA HIS D 14 26.38 10.17 14.91
C HIS D 14 25.07 9.64 15.49
N VAL D 15 25.16 8.99 16.65
CA VAL D 15 23.98 8.52 17.36
C VAL D 15 23.20 9.71 17.91
N GLN D 16 23.89 10.65 18.54
CA GLN D 16 23.25 11.87 19.03
C GLN D 16 22.48 12.58 17.92
N ARG D 17 23.11 12.69 16.74
CA ARG D 17 22.50 13.33 15.57
C ARG D 17 21.26 12.58 15.12
N LEU D 18 21.38 11.26 14.98
CA LEU D 18 20.23 10.41 14.59
C LEU D 18 19.05 10.60 15.52
N LEU D 19 19.30 10.53 16.83
CA LEU D 19 18.23 10.61 17.84
C LEU D 19 17.55 11.98 17.84
N LEU D 20 18.35 13.03 17.75
CA LEU D 20 17.81 14.37 17.76
C LEU D 20 17.04 14.64 16.47
N SER D 21 17.61 14.25 15.33
CA SER D 21 16.93 14.48 14.04
C SER D 21 15.59 13.74 13.95
N SER D 22 15.58 12.51 14.46
CA SER D 22 14.36 11.71 14.46
C SER D 22 13.28 12.35 15.34
N ARG D 23 13.69 12.81 16.51
CA ARG D 23 12.80 13.53 17.40
C ARG D 23 12.23 14.81 16.74
N GLU D 24 13.11 15.57 16.09
CA GLU D 24 12.71 16.80 15.40
C GLU D 24 11.75 16.51 14.24
N ALA D 25 12.01 15.41 13.51
CA ALA D 25 11.19 15.02 12.35
C ALA D 25 9.71 14.78 12.72
N LYS D 26 9.49 14.31 13.94
CA LYS D 26 8.15 14.02 14.47
C LYS D 26 7.24 15.26 14.43
N LYS D 27 7.84 16.45 14.54
CA LYS D 27 7.10 17.71 14.53
C LYS D 27 6.36 17.96 13.22
N SER D 28 6.84 17.35 12.14
CA SER D 28 6.25 17.56 10.83
C SER D 28 5.14 16.56 10.50
N ALA D 29 4.94 15.56 11.37
CA ALA D 29 3.96 14.50 11.12
C ALA D 29 2.61 15.05 10.69
N TYR D 30 2.05 14.42 9.67
CA TYR D 30 0.66 14.70 9.28
C TYR D 30 -0.13 13.46 9.71
N CYS D 31 -0.75 13.54 10.88
CA CYS D 31 -1.42 12.38 11.45
C CYS D 31 -2.72 12.75 12.18
N PRO D 32 -3.64 13.47 11.48
CA PRO D 32 -4.88 13.89 12.16
C PRO D 32 -5.84 12.74 12.44
N TYR D 33 -5.60 11.57 11.82
CA TYR D 33 -6.47 10.41 12.05
C TYR D 33 -6.07 9.60 13.27
N SER D 34 -4.80 9.21 13.35
CA SER D 34 -4.29 8.44 14.48
C SER D 34 -3.93 9.31 15.67
N ARG D 35 -3.57 10.57 15.40
CA ARG D 35 -2.97 11.44 16.42
C ARG D 35 -1.75 10.75 17.05
N PHE D 36 -1.04 9.98 16.22
CA PHE D 36 0.14 9.23 16.63
C PHE D 36 1.32 9.65 15.75
N PRO D 37 2.04 10.71 16.15
CA PRO D 37 3.13 11.20 15.33
C PRO D 37 4.39 10.31 15.40
N VAL D 38 5.01 10.12 14.25
CA VAL D 38 6.24 9.34 14.14
C VAL D 38 7.26 10.13 13.30
N GLY D 39 8.49 10.16 13.80
CA GLY D 39 9.62 10.74 13.12
C GLY D 39 10.67 9.69 12.86
N ALA D 40 11.45 9.90 11.81
CA ALA D 40 12.56 9.02 11.48
C ALA D 40 13.70 9.84 10.92
N ALA D 41 14.92 9.34 11.14
CA ALA D 41 16.10 9.99 10.61
C ALA D 41 17.03 8.91 10.07
N LEU D 42 17.44 9.06 8.82
CA LEU D 42 18.20 8.03 8.12
C LEU D 42 19.61 8.56 7.87
N LEU D 43 20.62 7.86 8.39
CA LEU D 43 22.01 8.25 8.22
C LEU D 43 22.66 7.47 7.07
N THR D 44 23.17 8.20 6.09
CA THR D 44 23.87 7.59 4.94
C THR D 44 25.34 7.34 5.28
N GLY D 45 26.00 6.52 4.46
CA GLY D 45 27.41 6.21 4.63
C GLY D 45 28.29 7.45 4.69
N ASP D 46 27.95 8.46 3.90
CA ASP D 46 28.78 9.67 3.82
C ASP D 46 28.43 10.74 4.86
N GLY D 47 27.45 10.44 5.71
CA GLY D 47 27.19 11.29 6.87
C GLY D 47 25.94 12.16 6.77
N ARG D 48 25.30 12.18 5.60
CA ARG D 48 24.07 12.97 5.43
C ARG D 48 22.90 12.30 6.12
N ILE D 49 22.06 13.11 6.76
CA ILE D 49 20.83 12.62 7.38
C ILE D 49 19.62 13.08 6.60
N PHE D 50 18.72 12.13 6.34
CA PHE D 50 17.43 12.40 5.73
C PHE D 50 16.34 12.13 6.76
N SER D 51 15.45 13.11 6.94
CA SER D 51 14.37 13.01 7.92
C SER D 51 13.07 12.60 7.26
N GLY D 52 12.17 12.03 8.05
CA GLY D 52 10.86 11.62 7.57
C GLY D 52 9.85 11.65 8.70
N CYS D 53 8.57 11.66 8.33
CA CYS D 53 7.50 11.59 9.31
C CYS D 53 6.35 10.82 8.67
N ASN D 54 5.45 10.30 9.50
CA ASN D 54 4.25 9.68 8.93
C ASN D 54 3.35 10.73 8.27
N ILE D 55 2.71 10.34 7.18
CA ILE D 55 1.82 11.25 6.44
C ILE D 55 0.56 10.46 6.07
N GLU D 56 -0.50 10.70 6.84
CA GLU D 56 -1.72 9.91 6.75
C GLU D 56 -2.66 10.39 5.64
N ASN D 57 -3.68 9.58 5.39
CA ASN D 57 -4.69 9.88 4.39
C ASN D 57 -6.06 9.51 4.95
N ALA D 58 -7.09 10.26 4.55
CA ALA D 58 -8.46 9.95 4.96
C ALA D 58 -8.77 8.49 4.67
N CYS D 59 -8.29 7.99 3.54
CA CYS D 59 -8.30 6.56 3.29
C CYS D 59 -7.05 5.97 3.95
N TYR D 60 -7.27 5.31 5.09
CA TYR D 60 -6.15 4.89 5.96
C TYR D 60 -5.01 4.15 5.22
N PRO D 61 -5.34 3.17 4.36
CA PRO D 61 -4.28 2.45 3.62
C PRO D 61 -3.33 3.32 2.77
N LEU D 62 -3.72 4.56 2.46
CA LEU D 62 -2.93 5.46 1.61
C LEU D 62 -1.94 6.35 2.38
N GLY D 63 -1.89 6.15 3.68
CA GLY D 63 -0.84 6.74 4.51
C GLY D 63 0.56 6.21 4.20
N VAL D 64 1.58 6.89 4.72
CA VAL D 64 2.96 6.40 4.65
C VAL D 64 3.60 6.57 6.02
N CYS D 65 4.52 5.67 6.35
CA CYS D 65 5.23 5.72 7.61
C CYS D 65 6.44 6.61 7.56
N ALA D 66 6.85 7.10 8.74
CA ALA D 66 8.05 7.94 8.85
C ALA D 66 9.29 7.34 8.16
N GLU D 67 9.54 6.05 8.41
CA GLU D 67 10.76 5.40 7.94
C GLU D 67 10.80 5.40 6.43
N ARG D 68 9.65 5.12 5.81
CA ARG D 68 9.59 5.10 4.36
C ARG D 68 9.66 6.50 3.76
N THR D 69 9.05 7.49 4.41
CA THR D 69 9.23 8.88 3.99
C THR D 69 10.72 9.23 3.91
N ALA D 70 11.48 8.89 4.96
CA ALA D 70 12.92 9.17 4.99
C ALA D 70 13.72 8.42 3.93
N ILE D 71 13.46 7.11 3.81
CA ILE D 71 14.16 6.30 2.82
C ILE D 71 13.85 6.78 1.40
N GLN D 72 12.59 7.07 1.13
CA GLN D 72 12.17 7.50 -0.20
C GLN D 72 12.81 8.84 -0.58
N LYS D 73 12.90 9.74 0.38
CA LYS D 73 13.60 11.02 0.18
C LYS D 73 15.06 10.77 -0.19
N ALA D 74 15.75 9.94 0.59
CA ALA D 74 17.16 9.64 0.34
C ALA D 74 17.40 9.08 -1.07
N ILE D 75 16.62 8.05 -1.42
CA ILE D 75 16.74 7.43 -2.75
C ILE D 75 16.48 8.45 -3.87
N SER D 76 15.46 9.28 -3.68
CA SER D 76 15.08 10.28 -4.70
C SER D 76 16.22 11.28 -4.98
N GLU D 77 17.14 11.41 -4.03
CA GLU D 77 18.26 12.34 -4.12
C GLU D 77 19.57 11.62 -4.43
N GLY D 78 19.45 10.33 -4.75
CA GLY D 78 20.55 9.51 -5.25
C GLY D 78 21.37 8.77 -4.20
N TYR D 79 20.82 8.63 -3.00
CA TYR D 79 21.53 7.95 -1.90
C TYR D 79 20.90 6.60 -1.62
N LYS D 80 21.72 5.54 -1.72
CA LYS D 80 21.25 4.18 -1.44
C LYS D 80 22.09 3.46 -0.38
N ASP D 81 23.14 4.12 0.12
CA ASP D 81 24.06 3.49 1.10
C ASP D 81 23.65 3.94 2.50
N PHE D 82 22.94 3.07 3.21
CA PHE D 82 22.38 3.46 4.49
C PHE D 82 23.12 2.80 5.64
N ARG D 83 23.45 3.60 6.64
CA ARG D 83 24.20 3.12 7.80
C ARG D 83 23.27 2.82 8.97
N ALA D 84 22.27 3.68 9.18
CA ALA D 84 21.39 3.57 10.33
C ALA D 84 20.13 4.39 10.14
N ILE D 85 19.08 3.97 10.81
CA ILE D 85 17.84 4.75 10.87
C ILE D 85 17.33 4.74 12.31
N ALA D 86 16.93 5.92 12.78
CA ALA D 86 16.34 6.06 14.11
C ALA D 86 14.86 6.43 13.98
N ILE D 87 14.05 5.89 14.89
CA ILE D 87 12.61 6.11 14.87
C ILE D 87 12.18 6.67 16.21
N SER D 88 11.30 7.67 16.16
CA SER D 88 10.81 8.40 17.35
C SER D 88 9.28 8.44 17.35
N SER D 89 8.70 8.39 18.54
CA SER D 89 7.25 8.53 18.69
C SER D 89 6.97 9.21 20.03
N ASP D 90 5.69 9.45 20.33
CA ASP D 90 5.29 10.00 21.63
C ASP D 90 5.02 8.91 22.68
N LEU D 91 5.18 7.65 22.30
CA LEU D 91 4.94 6.52 23.19
C LEU D 91 6.07 6.41 24.21
N GLN D 92 5.73 6.63 25.48
CA GLN D 92 6.69 6.56 26.59
C GLN D 92 6.93 5.13 27.08
N GLU D 93 5.88 4.30 27.01
CA GLU D 93 5.90 2.95 27.59
C GLU D 93 6.67 1.93 26.75
N GLU D 94 6.82 2.20 25.46
CA GLU D 94 7.43 1.24 24.51
C GLU D 94 8.46 1.92 23.62
N PHE D 95 9.52 1.19 23.26
CA PHE D 95 10.38 1.60 22.16
C PHE D 95 9.56 1.53 20.89
N ILE D 96 9.65 2.57 20.05
CA ILE D 96 8.90 2.55 18.80
C ILE D 96 9.61 1.66 17.78
N SER D 97 8.90 0.64 17.31
CA SER D 97 9.48 -0.34 16.40
C SER D 97 8.91 -0.19 14.99
N PRO D 98 9.71 -0.45 13.92
CA PRO D 98 9.19 -0.29 12.57
C PRO D 98 8.20 -1.38 12.23
N CYS D 99 7.13 -1.02 11.52
CA CYS D 99 6.18 -2.01 11.04
C CYS D 99 6.86 -2.92 10.00
N GLY D 100 6.19 -4.01 9.66
CA GLY D 100 6.74 -4.95 8.70
C GLY D 100 6.99 -4.38 7.30
N ALA D 101 6.12 -3.46 6.86
CA ALA D 101 6.27 -2.82 5.56
C ALA D 101 7.56 -2.01 5.50
N CYS D 102 7.81 -1.24 6.56
CA CYS D 102 9.03 -0.43 6.67
C CYS D 102 10.25 -1.32 6.72
N ARG D 103 10.17 -2.43 7.48
CA ARG D 103 11.27 -3.40 7.49
C ARG D 103 11.59 -3.93 6.08
N GLN D 104 10.54 -4.22 5.31
CA GLN D 104 10.74 -4.72 3.95
C GLN D 104 11.39 -3.69 3.03
N VAL D 105 10.98 -2.42 3.13
CA VAL D 105 11.61 -1.34 2.36
C VAL D 105 13.09 -1.15 2.79
N MET D 106 13.35 -1.17 4.08
CA MET D 106 14.73 -1.14 4.60
C MET D 106 15.58 -2.25 3.95
N ARG D 107 15.03 -3.46 3.91
CA ARG D 107 15.73 -4.66 3.42
C ARG D 107 16.08 -4.57 1.93
N GLU D 108 15.28 -3.84 1.17
CA GLU D 108 15.57 -3.67 -0.25
C GLU D 108 16.99 -3.09 -0.44
N PHE D 109 17.47 -2.38 0.57
CA PHE D 109 18.75 -1.65 0.50
C PHE D 109 19.81 -2.20 1.45
N GLY D 110 19.64 -3.48 1.82
CA GLY D 110 20.61 -4.21 2.63
C GLY D 110 20.01 -4.69 3.94
N THR D 111 20.64 -5.71 4.52
CA THR D 111 20.18 -6.27 5.80
C THR D 111 21.12 -6.00 6.97
N ASP D 112 22.34 -5.52 6.69
CA ASP D 112 23.38 -5.42 7.71
C ASP D 112 23.38 -4.10 8.52
N TRP D 113 22.46 -3.18 8.21
CA TRP D 113 22.47 -1.86 8.82
C TRP D 113 21.52 -1.71 10.02
N ALA D 114 21.67 -0.63 10.77
CA ALA D 114 21.14 -0.51 12.14
C ALA D 114 19.83 0.25 12.24
N VAL D 115 18.94 -0.26 13.10
CA VAL D 115 17.65 0.37 13.39
C VAL D 115 17.60 0.72 14.87
N TYR D 116 17.54 2.03 15.16
CA TYR D 116 17.45 2.55 16.53
C TYR D 116 15.98 2.80 16.88
N MET D 117 15.49 2.00 17.80
CA MET D 117 14.11 2.06 18.24
C MET D 117 14.06 2.78 19.58
N THR D 118 13.53 4.00 19.60
CA THR D 118 13.70 4.89 20.75
C THR D 118 12.45 5.09 21.62
N LYS D 119 12.69 5.69 22.78
CA LYS D 119 11.65 6.26 23.62
C LYS D 119 11.89 7.77 23.70
N PRO D 120 10.86 8.56 24.04
CA PRO D 120 11.03 10.03 24.18
C PRO D 120 12.12 10.47 25.16
N ASP D 121 12.48 9.59 26.10
CA ASP D 121 13.52 9.90 27.10
C ASP D 121 14.94 9.70 26.58
N GLY D 122 15.06 9.30 25.31
CA GLY D 122 16.35 9.17 24.65
C GLY D 122 16.99 7.80 24.78
N THR D 123 16.36 6.90 25.53
CA THR D 123 16.80 5.51 25.59
C THR D 123 16.37 4.79 24.31
N PHE D 124 17.08 3.72 23.97
CA PHE D 124 16.80 3.03 22.72
C PHE D 124 17.26 1.58 22.76
N VAL D 125 16.78 0.82 21.80
CA VAL D 125 17.31 -0.52 21.51
C VAL D 125 17.72 -0.53 20.04
N VAL D 126 18.85 -1.17 19.74
CA VAL D 126 19.34 -1.24 18.37
C VAL D 126 19.33 -2.69 17.88
N ARG D 127 18.75 -2.90 16.71
CA ARG D 127 18.78 -4.19 16.04
C ARG D 127 19.11 -3.96 14.57
N THR D 128 19.70 -4.94 13.90
CA THR D 128 19.91 -4.84 12.46
C THR D 128 18.62 -5.15 11.72
N VAL D 129 18.54 -4.69 10.48
CA VAL D 129 17.44 -5.04 9.57
C VAL D 129 17.27 -6.56 9.51
N GLN D 130 18.38 -7.29 9.35
CA GLN D 130 18.36 -8.77 9.35
C GLN D 130 17.67 -9.35 10.59
N GLU D 131 18.01 -8.84 11.77
CA GLU D 131 17.39 -9.29 13.04
C GLU D 131 15.89 -8.97 13.09
N LEU D 132 15.49 -7.85 12.52
CA LEU D 132 14.08 -7.45 12.52
C LEU D 132 13.26 -8.11 11.41
N LEU D 133 13.93 -8.66 10.40
CA LEU D 133 13.25 -9.28 9.26
C LEU D 133 14.00 -10.57 8.85
N PRO D 134 13.97 -11.60 9.72
CA PRO D 134 14.72 -12.84 9.45
C PRO D 134 14.16 -13.63 8.29
N ALA D 135 15.02 -14.40 7.62
CA ALA D 135 14.62 -15.23 6.48
C ALA D 135 13.73 -14.43 5.53
N SER D 136 14.21 -13.27 5.10
CA SER D 136 13.38 -12.32 4.40
C SER D 136 13.17 -12.64 2.93
N PHE D 137 11.99 -12.30 2.45
CA PHE D 137 11.75 -12.14 1.03
C PHE D 137 12.62 -10.96 0.59
N GLY D 138 13.17 -11.01 -0.63
CA GLY D 138 13.97 -9.88 -1.12
C GLY D 138 14.25 -9.96 -2.60
N PRO D 139 15.08 -9.03 -3.11
CA PRO D 139 15.46 -8.96 -4.53
C PRO D 139 15.91 -10.31 -5.13
N GLU D 140 16.61 -11.13 -4.36
CA GLU D 140 17.08 -12.43 -4.86
C GLU D 140 15.92 -13.34 -5.32
N ASP D 141 14.76 -13.25 -4.67
CA ASP D 141 13.60 -14.07 -5.05
C ASP D 141 13.21 -13.85 -6.50
N LEU D 142 13.49 -12.64 -7.01
CA LEU D 142 13.06 -12.24 -8.36
C LEU D 142 14.17 -12.28 -9.40
N GLN D 143 15.35 -12.72 -9.00
CA GLN D 143 16.47 -12.83 -9.95
C GLN D 143 16.14 -13.83 -11.06
N LYS D 144 16.42 -13.42 -12.29
CA LYS D 144 16.13 -14.21 -13.49
C LYS D 144 16.84 -15.56 -13.47
N ILE D 145 18.12 -15.54 -13.11
CA ILE D 145 18.94 -16.75 -13.12
C ILE D 145 19.08 -17.30 -11.72
N GLN D 146 18.64 -18.56 -11.56
CA GLN D 146 18.66 -19.23 -10.28
C GLN D 146 19.36 -20.58 -10.41
ZN ZN E . 0.87 6.49 -8.52
S SO4 F . -16.66 16.85 -6.71
O1 SO4 F . -16.70 15.91 -7.82
O2 SO4 F . -17.44 16.30 -5.59
O3 SO4 F . -15.29 17.08 -6.27
O4 SO4 F . -17.20 18.12 -7.15
O5' TYU G . 3.58 0.82 -12.31
C5' TYU G . 4.91 0.84 -12.88
C4' TYU G . 5.87 1.79 -12.21
O4' TYU G . 5.46 3.13 -12.45
C1' TYU G . 5.21 3.84 -11.23
N1 TYU G . 4.21 4.89 -11.40
C6 TYU G . 3.09 4.55 -12.27
C2 TYU G . 4.41 6.10 -10.84
O2 TYU G . 5.45 6.39 -10.27
N3 TYU G . 3.45 7.03 -10.96
C4 TYU G . 2.10 6.76 -11.44
O4 TYU G . 1.18 7.21 -10.43
C5 TYU G . 1.87 5.26 -11.70
C2' TYU G . 4.91 2.74 -10.26
O2' TYU G . 4.89 3.03 -8.84
C3' TYU G . 5.79 1.67 -10.72
O3' TYU G . 7.07 1.71 -10.05
ZN ZN H . -10.48 2.26 -1.16
O5' TYU I . -10.45 5.38 5.55
C5' TYU I . -11.35 4.87 6.57
C4' TYU I . -11.69 3.42 6.42
O4' TYU I . -12.60 3.25 5.33
C1' TYU I . -12.06 2.35 4.36
N1 TYU I . -12.55 2.65 3.01
C6 TYU I . -12.54 4.07 2.65
C2 TYU I . -13.00 1.67 2.22
O2 TYU I . -13.07 0.52 2.63
N3 TYU I . -13.35 1.96 0.97
C4 TYU I . -13.16 3.25 0.34
O4 TYU I . -12.55 3.01 -0.93
C5 TYU I . -12.26 4.18 1.15
C2' TYU I . -10.58 2.37 4.60
O2' TYU I . -9.78 1.31 4.00
C3' TYU I . -10.50 2.59 6.05
O3' TYU I . -10.44 1.35 6.80
ZN ZN J . 3.56 -10.08 1.00
O5' TYU K . 6.83 -9.21 -5.64
C5' TYU K . 6.49 -10.12 -6.71
C4' TYU K . 5.13 -10.72 -6.62
O4' TYU K . 5.09 -11.71 -5.57
C1' TYU K . 4.08 -11.39 -4.59
N1 TYU K . 4.38 -11.88 -3.24
C6 TYU K . 5.78 -11.72 -2.85
C2 TYU K . 3.45 -12.50 -2.48
O2 TYU K . 2.31 -12.72 -2.90
N3 TYU K . 3.80 -12.93 -1.25
C4 TYU K . 5.00 -12.52 -0.55
O4 TYU K . 4.60 -11.93 0.69
C5 TYU K . 5.80 -11.49 -1.34
C2' TYU K . 3.89 -9.91 -4.76
O2' TYU K . 2.69 -9.30 -4.20
C3' TYU K . 4.11 -9.72 -6.19
O3' TYU K . 2.88 -9.84 -6.93
ZN ZN L . 5.96 1.47 8.91
O5' TYU M . -0.25 3.30 12.55
C5' TYU M . -0.37 4.60 13.18
C4' TYU M . 0.48 5.66 12.57
O4' TYU M . 1.87 5.44 12.88
C1' TYU M . 2.62 5.30 11.68
N1 TYU M . 3.80 4.46 11.86
C6 TYU M . 3.56 3.23 12.62
C2 TYU M . 5.00 4.84 11.38
O2 TYU M . 5.18 5.91 10.81
N3 TYU M . 6.05 4.02 11.56
C4 TYU M . 5.95 2.62 11.95
O4 TYU M . 6.62 1.79 10.96
C5 TYU M . 4.50 2.15 12.09
C2' TYU M . 1.59 4.90 10.66
O2' TYU M . 1.97 4.99 9.26
C3' TYU M . 0.40 5.62 11.07
O3' TYU M . 0.36 6.94 10.48
#